data_6QTO
#
_entry.id   6QTO
#
_cell.length_a   48.293
_cell.length_b   54.873
_cell.length_c   103.535
_cell.angle_alpha   90.000
_cell.angle_beta   90.000
_cell.angle_gamma   90.000
#
_symmetry.space_group_name_H-M   'P 21 21 21'
#
loop_
_entity.id
_entity.type
_entity.pdbx_description
1 polymer 'E3 ubiquitin-protein ligase COP1'
2 polymer 'Transcription factor HY5'
3 non-polymer 'SULFATE ION'
4 non-polymer GLYCEROL
5 water water
#
loop_
_entity_poly.entity_id
_entity_poly.type
_entity_poly.pdbx_seq_one_letter_code
_entity_poly.pdbx_strand_id
1 'polypeptide(L)'
;GAMTFTRYSRLRVIAEIRHGDIFHSANIVSSIEFDRDDELFATAGVSR(CSO)IKVFDFSSVVNEPADMQCPIVEMSTRS
KLS(CSO)LSWNKHEKNHIASSDYEGIVTVWDVTTRQSLMEYEEHEKRAWSVDFSRTEPSMLVSGSDDCKVKVW(CSO)T
RQEASVINIDMKANIC(CSO)VKYNPGSSNYIAVGSADHHIHYYDLRNISQPLHVFSGHKKAVSYVKFLSNNELASASTD
STLRLWDVKDNLPVRTFRGHTNEKNFVGLTVNSEYLACGSETNEVYVYHKEITRPVTSHRFGSPDMDDAEEEAGSYFISA
VCWKSDSPTMLTANSQGTIKVLVLAA
;
A
2 'polypeptide(L)' (ACE)EIRRVPEFGGY B
#
loop_
_chem_comp.id
_chem_comp.type
_chem_comp.name
_chem_comp.formula
ACE non-polymer 'ACETYL GROUP' 'C2 H4 O'
GOL non-polymer GLYCEROL 'C3 H8 O3'
SO4 non-polymer 'SULFATE ION' 'O4 S -2'
#
# COMPACT_ATOMS: atom_id res chain seq x y z
N MET A 3 28.79 -4.89 -0.89
CA MET A 3 28.68 -3.59 -0.24
C MET A 3 27.21 -3.23 -0.02
N THR A 4 26.39 -3.41 -1.06
CA THR A 4 24.97 -3.10 -0.96
C THR A 4 24.27 -4.04 0.01
N PHE A 5 24.53 -5.34 -0.15
CA PHE A 5 23.90 -6.34 0.71
C PHE A 5 24.23 -6.09 2.18
N THR A 6 25.43 -5.57 2.46
CA THR A 6 25.93 -5.45 3.82
C THR A 6 25.86 -4.02 4.36
N ARG A 7 25.38 -3.06 3.58
CA ARG A 7 25.22 -1.71 4.11
C ARG A 7 24.33 -1.71 5.35
N TYR A 8 23.25 -2.47 5.31
CA TYR A 8 22.34 -2.56 6.42
C TYR A 8 22.18 -4.02 6.81
N SER A 9 22.10 -4.28 8.10
CA SER A 9 21.86 -5.63 8.58
C SER A 9 20.70 -5.74 9.54
N ARG A 10 20.10 -4.62 9.96
CA ARG A 10 19.06 -4.63 10.96
C ARG A 10 18.10 -3.48 10.70
N LEU A 11 16.93 -3.57 11.36
CA LEU A 11 15.98 -2.48 11.49
C LEU A 11 15.94 -2.07 12.95
N ARG A 12 16.24 -0.81 13.22
CA ARG A 12 16.17 -0.28 14.59
C ARG A 12 14.79 0.32 14.81
N VAL A 13 14.24 0.10 16.00
CA VAL A 13 12.99 0.73 16.39
C VAL A 13 13.34 2.09 16.97
N ILE A 14 12.82 3.15 16.35
CA ILE A 14 13.07 4.48 16.88
C ILE A 14 11.86 5.10 17.54
N ALA A 15 10.68 4.51 17.38
CA ALA A 15 9.49 4.96 18.09
C ALA A 15 8.41 3.89 17.94
N GLU A 16 7.49 3.86 18.90
CA GLU A 16 6.42 2.88 18.91
C GLU A 16 5.17 3.50 19.50
N ILE A 17 4.03 3.31 18.83
CA ILE A 17 2.72 3.68 19.33
C ILE A 17 1.97 2.39 19.59
N ARG A 18 1.65 2.11 20.85
CA ARG A 18 0.93 0.89 21.22
C ARG A 18 -0.50 1.21 21.67
N ASN A 27 -8.75 -2.97 15.42
CA ASN A 27 -7.34 -3.11 15.76
C ASN A 27 -6.44 -3.08 14.53
N ILE A 28 -6.78 -3.87 13.51
CA ILE A 28 -5.95 -3.97 12.32
C ILE A 28 -5.82 -2.61 11.66
N VAL A 29 -4.58 -2.22 11.37
CA VAL A 29 -4.28 -1.05 10.56
C VAL A 29 -4.10 -1.51 9.13
N SER A 30 -5.05 -1.17 8.26
CA SER A 30 -5.00 -1.59 6.87
C SER A 30 -4.01 -0.78 6.05
N SER A 31 -3.76 0.46 6.44
CA SER A 31 -2.98 1.39 5.62
C SER A 31 -2.29 2.41 6.51
N ILE A 32 -1.04 2.72 6.16
CA ILE A 32 -0.24 3.75 6.81
C ILE A 32 0.52 4.47 5.71
N GLU A 33 0.40 5.80 5.65
CA GLU A 33 0.91 6.56 4.53
C GLU A 33 1.37 7.95 4.96
N PHE A 34 2.48 8.39 4.39
CA PHE A 34 2.99 9.75 4.59
C PHE A 34 2.32 10.75 3.64
N ASP A 35 2.18 11.99 4.11
CA ASP A 35 1.70 13.08 3.26
C ASP A 35 2.79 13.50 2.29
N ARG A 36 2.48 14.53 1.48
CA ARG A 36 3.31 14.95 0.35
C ARG A 36 4.74 15.24 0.75
N ASP A 37 4.95 15.79 1.95
CA ASP A 37 6.24 16.25 2.43
C ASP A 37 6.86 15.31 3.47
N ASP A 38 6.27 14.15 3.69
CA ASP A 38 6.72 13.21 4.72
C ASP A 38 6.74 13.87 6.10
N GLU A 39 5.81 14.79 6.35
CA GLU A 39 5.70 15.48 7.62
CA GLU A 39 5.70 15.48 7.62
C GLU A 39 4.65 14.86 8.53
N LEU A 40 3.52 14.50 7.96
CA LEU A 40 2.44 13.84 8.68
C LEU A 40 2.31 12.44 8.09
N PHE A 41 1.76 11.55 8.89
CA PHE A 41 1.33 10.26 8.36
C PHE A 41 -0.06 9.96 8.88
N ALA A 42 -0.77 9.08 8.16
CA ALA A 42 -2.11 8.72 8.53
C ALA A 42 -2.23 7.21 8.59
N THR A 43 -3.12 6.75 9.46
CA THR A 43 -3.45 5.34 9.59
C THR A 43 -4.96 5.16 9.44
N ALA A 44 -5.35 3.98 8.98
CA ALA A 44 -6.77 3.65 8.88
C ALA A 44 -6.93 2.15 8.81
N GLY A 45 -8.06 1.66 9.31
CA GLY A 45 -8.34 0.24 9.23
C GLY A 45 -9.73 -0.12 9.69
N VAL A 46 -9.83 -1.21 10.45
CA VAL A 46 -11.12 -1.74 10.83
C VAL A 46 -11.81 -0.88 11.89
N SER A 47 -11.09 0.00 12.58
CA SER A 47 -11.73 0.79 13.62
C SER A 47 -12.52 1.98 13.07
N ARG A 48 -12.56 2.17 11.75
CA ARG A 48 -13.39 3.21 11.14
C ARG A 48 -12.97 4.60 11.60
N CSO A 49 -11.66 4.82 11.62
CA CSO A 49 -11.12 6.08 12.11
CB CSO A 49 -10.78 5.98 13.61
SG CSO A 49 -10.41 7.61 14.33
C CSO A 49 -9.84 6.37 11.33
O CSO A 49 -8.88 5.60 11.41
OD CSO A 49 -11.90 8.31 14.99
HA CSO A 49 -11.76 6.81 12.00
HB2 CSO A 49 -10.00 5.41 13.73
HB3 CSO A 49 -11.54 5.60 14.08
HD CSO A 49 -11.71 9.18 15.40
N ILE A 50 -9.81 7.47 10.59
CA ILE A 50 -8.59 7.92 9.95
C ILE A 50 -7.86 8.82 10.95
N LYS A 51 -6.68 8.41 11.37
CA LYS A 51 -5.89 9.17 12.33
C LYS A 51 -4.68 9.76 11.65
N VAL A 52 -4.39 11.02 11.94
CA VAL A 52 -3.23 11.72 11.37
C VAL A 52 -2.29 12.05 12.52
N PHE A 53 -1.02 11.74 12.33
CA PHE A 53 0.04 11.95 13.30
C PHE A 53 1.14 12.83 12.70
N ASP A 54 1.79 13.60 13.57
CA ASP A 54 2.97 14.38 13.20
C ASP A 54 4.20 13.52 13.37
N PHE A 55 4.94 13.30 12.28
CA PHE A 55 6.06 12.36 12.32
C PHE A 55 7.12 12.78 13.34
N SER A 56 7.51 14.06 13.31
CA SER A 56 8.54 14.54 14.23
CA SER A 56 8.55 14.52 14.23
C SER A 56 8.10 14.35 15.68
N SER A 57 6.83 14.65 15.98
CA SER A 57 6.35 14.48 17.34
C SER A 57 6.45 13.02 17.77
N VAL A 58 6.09 12.09 16.88
CA VAL A 58 6.12 10.68 17.21
C VAL A 58 7.55 10.23 17.49
N VAL A 59 8.51 10.71 16.69
CA VAL A 59 9.90 10.29 16.85
CA VAL A 59 9.89 10.27 16.85
C VAL A 59 10.49 10.86 18.12
N ASN A 60 10.14 12.10 18.46
CA ASN A 60 10.81 12.82 19.52
C ASN A 60 10.19 12.69 20.91
N GLU A 61 8.92 12.31 21.01
CA GLU A 61 8.23 12.38 22.29
C GLU A 61 8.01 11.00 22.91
N PRO A 62 7.84 10.92 24.24
CA PRO A 62 7.68 9.63 24.93
C PRO A 62 6.28 9.04 24.82
N GLN A 66 1.79 10.78 23.12
CA GLN A 66 1.41 10.36 21.78
C GLN A 66 -0.09 10.50 21.58
N CYS A 67 -0.49 11.25 20.54
CA CYS A 67 -1.89 11.47 20.26
CA CYS A 67 -1.89 11.51 20.27
C CYS A 67 -2.01 11.98 18.82
N PRO A 68 -2.97 11.49 18.04
CA PRO A 68 -3.14 12.03 16.69
C PRO A 68 -3.57 13.49 16.75
N ILE A 69 -3.19 14.22 15.70
CA ILE A 69 -3.60 15.61 15.56
C ILE A 69 -4.93 15.75 14.84
N VAL A 70 -5.39 14.71 14.16
CA VAL A 70 -6.70 14.68 13.53
C VAL A 70 -7.25 13.27 13.66
N GLU A 71 -8.54 13.16 13.93
CA GLU A 71 -9.26 11.89 13.84
C GLU A 71 -10.54 12.14 13.06
N MET A 72 -10.77 11.32 12.03
CA MET A 72 -11.98 11.43 11.21
C MET A 72 -12.69 10.09 11.26
N SER A 73 -13.92 10.09 11.79
CA SER A 73 -14.71 8.87 11.87
C SER A 73 -15.35 8.56 10.53
N THR A 74 -15.42 7.28 10.20
CA THR A 74 -15.96 6.85 8.92
C THR A 74 -17.11 5.89 9.14
N ARG A 75 -17.98 5.78 8.14
CA ARG A 75 -19.09 4.85 8.29
C ARG A 75 -18.68 3.39 8.12
N SER A 76 -17.64 3.13 7.34
CA SER A 76 -17.27 1.77 7.00
CA SER A 76 -17.25 1.79 6.94
C SER A 76 -15.80 1.53 7.32
N LYS A 77 -15.46 0.25 7.46
CA LYS A 77 -14.07 -0.14 7.64
C LYS A 77 -13.27 0.32 6.44
N LEU A 78 -12.00 0.68 6.67
CA LEU A 78 -11.14 1.23 5.64
C LEU A 78 -10.12 0.22 5.16
N SER A 79 -9.85 0.25 3.86
CA SER A 79 -8.86 -0.64 3.29
CA SER A 79 -8.86 -0.64 3.28
C SER A 79 -7.57 0.04 2.85
N CSO A 80 -7.64 1.32 2.45
CA CSO A 80 -6.47 1.98 1.84
CA CSO A 80 -6.46 1.98 1.89
CB CSO A 80 -6.37 1.58 0.34
CB CSO A 80 -6.33 1.59 0.42
SG CSO A 80 -4.82 2.03 -0.50
SG CSO A 80 -4.79 2.15 -0.34
C CSO A 80 -6.59 3.48 1.99
O CSO A 80 -7.69 4.02 1.97
OD CSO A 80 -3.53 1.57 0.60
OD CSO A 80 -4.64 1.24 -1.81
HA CSO A 80 -5.64 1.69 2.28
HA CSO A 80 -5.67 1.70 2.39
HB2 CSO A 80 -7.09 2.01 -0.13
HB2 CSO A 80 -7.07 2.00 -0.08
HB3 CSO A 80 -6.46 0.62 0.28
HB3 CSO A 80 -6.37 0.63 0.35
HD CSO A 80 -3.62 2.06 1.44
HD CSO A 80 -3.83 1.48 -2.27
N LEU A 81 -5.44 4.14 2.10
CA LEU A 81 -5.32 5.59 2.08
C LEU A 81 -4.32 6.01 1.02
N SER A 82 -4.51 7.19 0.45
CA SER A 82 -3.54 7.80 -0.45
C SER A 82 -3.63 9.31 -0.28
N TRP A 83 -2.54 9.93 0.10
CA TRP A 83 -2.53 11.38 0.20
C TRP A 83 -2.38 12.03 -1.18
N ASN A 84 -2.99 13.19 -1.33
CA ASN A 84 -2.81 13.98 -2.53
C ASN A 84 -1.38 14.51 -2.61
N LYS A 85 -0.83 14.51 -3.82
CA LYS A 85 0.56 14.84 -4.00
C LYS A 85 0.80 16.33 -4.21
N HIS A 86 -0.27 17.12 -4.34
CA HIS A 86 -0.18 18.57 -4.53
C HIS A 86 -0.91 19.32 -3.44
N GLU A 87 -2.14 18.92 -3.13
CA GLU A 87 -2.94 19.49 -2.04
C GLU A 87 -2.50 18.82 -0.75
N LYS A 88 -1.68 19.52 0.02
CA LYS A 88 -1.07 18.98 1.24
C LYS A 88 -2.10 18.30 2.13
N ASN A 89 -3.26 18.91 2.28
CA ASN A 89 -4.20 18.54 3.31
C ASN A 89 -5.24 17.52 2.87
N HIS A 90 -5.17 17.03 1.64
CA HIS A 90 -6.19 16.11 1.14
C HIS A 90 -5.70 14.67 1.12
N ILE A 91 -6.58 13.77 1.52
CA ILE A 91 -6.27 12.35 1.57
C ILE A 91 -7.49 11.57 1.12
N ALA A 92 -7.25 10.54 0.31
CA ALA A 92 -8.30 9.65 -0.13
C ALA A 92 -8.32 8.37 0.70
N SER A 93 -9.51 7.81 0.87
CA SER A 93 -9.68 6.50 1.47
C SER A 93 -10.59 5.64 0.59
N SER A 94 -10.35 4.34 0.62
CA SER A 94 -11.25 3.36 0.04
C SER A 94 -11.79 2.52 1.19
N ASP A 95 -13.07 2.16 1.14
CA ASP A 95 -13.71 1.48 2.24
C ASP A 95 -14.44 0.22 1.79
N TYR A 96 -14.89 -0.54 2.78
CA TYR A 96 -15.45 -1.86 2.54
C TYR A 96 -16.89 -1.80 2.03
N GLU A 97 -17.52 -0.63 2.02
CA GLU A 97 -18.78 -0.44 1.34
C GLU A 97 -18.56 -0.19 -0.14
N GLY A 98 -17.34 0.12 -0.57
CA GLY A 98 -17.05 0.49 -1.93
C GLY A 98 -16.85 1.96 -2.17
N ILE A 99 -17.01 2.77 -1.13
CA ILE A 99 -16.94 4.22 -1.28
CA ILE A 99 -16.94 4.22 -1.30
C ILE A 99 -15.51 4.67 -1.30
N VAL A 100 -15.20 5.59 -2.20
CA VAL A 100 -13.91 6.25 -2.30
C VAL A 100 -14.15 7.68 -1.88
N THR A 101 -13.50 8.10 -0.80
CA THR A 101 -13.74 9.40 -0.20
C THR A 101 -12.47 10.22 -0.27
N VAL A 102 -12.59 11.50 -0.62
CA VAL A 102 -11.50 12.45 -0.49
C VAL A 102 -11.83 13.34 0.70
N TRP A 103 -10.88 13.45 1.63
CA TRP A 103 -11.06 14.17 2.88
C TRP A 103 -10.10 15.35 2.94
N ASP A 104 -10.49 16.37 3.69
CA ASP A 104 -9.61 17.48 4.05
C ASP A 104 -9.27 17.32 5.53
N VAL A 105 -7.98 17.07 5.83
CA VAL A 105 -7.58 16.79 7.21
C VAL A 105 -7.56 18.04 8.07
N THR A 106 -7.67 19.24 7.47
CA THR A 106 -7.78 20.43 8.30
C THR A 106 -9.23 20.67 8.70
N THR A 107 -10.19 20.54 7.78
CA THR A 107 -11.57 20.78 8.14
C THR A 107 -12.29 19.53 8.63
N ARG A 108 -11.70 18.36 8.44
CA ARG A 108 -12.25 17.04 8.74
C ARG A 108 -13.40 16.64 7.82
N GLN A 109 -13.70 17.42 6.79
CA GLN A 109 -14.88 17.10 6.01
C GLN A 109 -14.51 16.19 4.84
N SER A 110 -15.50 15.41 4.42
CA SER A 110 -15.38 14.70 3.17
C SER A 110 -15.62 15.72 2.06
N LEU A 111 -14.69 15.81 1.13
CA LEU A 111 -14.81 16.68 -0.01
C LEU A 111 -15.55 16.01 -1.15
N MET A 112 -15.28 14.72 -1.36
CA MET A 112 -15.96 13.92 -2.37
C MET A 112 -16.27 12.56 -1.77
N GLU A 113 -17.43 12.02 -2.12
CA GLU A 113 -17.84 10.67 -1.75
C GLU A 113 -18.25 9.98 -3.04
N TYR A 114 -17.35 9.21 -3.62
CA TYR A 114 -17.58 8.53 -4.88
C TYR A 114 -18.19 7.16 -4.60
N GLU A 115 -19.41 6.91 -5.10
CA GLU A 115 -20.21 5.78 -4.62
C GLU A 115 -20.57 4.74 -5.69
N GLU A 116 -19.85 4.70 -6.81
CA GLU A 116 -20.24 3.82 -7.92
C GLU A 116 -19.84 2.36 -7.70
N HIS A 117 -18.75 2.08 -6.99
CA HIS A 117 -18.41 0.68 -6.79
C HIS A 117 -19.52 -0.03 -6.02
N GLU A 118 -19.74 -1.30 -6.36
CA GLU A 118 -20.82 -2.07 -5.75
C GLU A 118 -20.35 -3.01 -4.66
N LYS A 119 -19.04 -3.13 -4.47
CA LYS A 119 -18.46 -3.99 -3.45
CA LYS A 119 -18.46 -3.98 -3.44
C LYS A 119 -17.26 -3.25 -2.87
N ARG A 120 -16.70 -3.79 -1.79
CA ARG A 120 -15.52 -3.19 -1.17
C ARG A 120 -14.47 -2.76 -2.19
N ALA A 121 -13.94 -1.58 -1.95
CA ALA A 121 -12.86 -1.02 -2.74
C ALA A 121 -11.58 -1.25 -1.95
N TRP A 122 -10.73 -2.13 -2.46
CA TRP A 122 -9.53 -2.51 -1.74
C TRP A 122 -8.43 -1.47 -1.80
N SER A 123 -8.43 -0.60 -2.81
CA SER A 123 -7.28 0.24 -3.10
CA SER A 123 -7.31 0.28 -2.99
C SER A 123 -7.74 1.57 -3.68
N VAL A 124 -6.98 2.62 -3.38
CA VAL A 124 -7.12 3.93 -4.02
C VAL A 124 -5.72 4.51 -4.15
N ASP A 125 -5.50 5.28 -5.20
CA ASP A 125 -4.21 5.91 -5.41
C ASP A 125 -4.40 7.26 -6.08
N PHE A 126 -3.83 8.31 -5.49
CA PHE A 126 -3.77 9.63 -6.11
C PHE A 126 -2.53 9.72 -7.01
N SER A 127 -2.72 10.22 -8.23
CA SER A 127 -1.61 10.39 -9.16
C SER A 127 -0.64 11.47 -8.69
N ARG A 128 0.65 11.21 -8.89
CA ARG A 128 1.68 12.19 -8.57
C ARG A 128 1.74 13.31 -9.59
N THR A 129 1.55 13.01 -10.86
CA THR A 129 1.78 13.99 -11.92
C THR A 129 0.54 14.73 -12.39
N GLU A 130 -0.65 14.19 -12.19
CA GLU A 130 -1.92 14.87 -12.47
CA GLU A 130 -1.91 14.87 -12.46
C GLU A 130 -2.70 14.73 -11.17
N PRO A 131 -2.44 15.63 -10.21
CA PRO A 131 -2.81 15.32 -8.82
C PRO A 131 -4.29 15.35 -8.50
N SER A 132 -5.14 15.83 -9.40
CA SER A 132 -6.58 15.74 -9.22
CA SER A 132 -6.57 15.72 -9.15
C SER A 132 -7.14 14.39 -9.61
N MET A 133 -6.31 13.51 -10.16
CA MET A 133 -6.75 12.19 -10.61
CA MET A 133 -6.76 12.20 -10.62
C MET A 133 -6.48 11.14 -9.55
N LEU A 134 -7.45 10.28 -9.33
CA LEU A 134 -7.30 9.16 -8.43
C LEU A 134 -7.95 7.93 -9.04
N VAL A 135 -7.44 6.77 -8.68
CA VAL A 135 -7.92 5.50 -9.25
C VAL A 135 -8.23 4.55 -8.10
N SER A 136 -9.28 3.75 -8.28
CA SER A 136 -9.70 2.76 -7.30
C SER A 136 -9.97 1.41 -7.98
N GLY A 137 -9.87 0.36 -7.18
CA GLY A 137 -10.20 -0.98 -7.62
C GLY A 137 -11.00 -1.70 -6.55
N SER A 138 -11.84 -2.64 -6.99
CA SER A 138 -12.85 -3.23 -6.14
C SER A 138 -13.07 -4.71 -6.43
N ASP A 139 -13.67 -5.36 -5.43
CA ASP A 139 -14.22 -6.70 -5.61
C ASP A 139 -15.32 -6.73 -6.65
N ASP A 140 -15.89 -5.58 -7.04
CA ASP A 140 -16.85 -5.56 -8.14
C ASP A 140 -16.19 -5.73 -9.50
N CYS A 141 -14.87 -5.95 -9.54
CA CYS A 141 -14.13 -6.24 -10.76
C CYS A 141 -13.95 -5.03 -11.66
N LYS A 142 -14.18 -3.82 -11.14
N LYS A 142 -14.17 -3.82 -11.12
CA LYS A 142 -13.99 -2.61 -11.92
CA LYS A 142 -14.00 -2.60 -11.89
C LYS A 142 -12.83 -1.78 -11.39
C LYS A 142 -12.80 -1.81 -11.39
N VAL A 143 -12.10 -1.17 -12.33
CA VAL A 143 -11.18 -0.09 -12.04
C VAL A 143 -11.92 1.20 -12.41
N LYS A 144 -11.90 2.17 -11.52
CA LYS A 144 -12.52 3.47 -11.77
C LYS A 144 -11.48 4.56 -11.60
N VAL A 145 -11.45 5.47 -12.57
CA VAL A 145 -10.62 6.65 -12.51
C VAL A 145 -11.52 7.84 -12.26
N TRP A 146 -11.12 8.68 -11.32
CA TRP A 146 -11.90 9.81 -10.87
C TRP A 146 -11.06 11.07 -10.95
N CSO A 147 -11.75 12.20 -11.09
CA CSO A 147 -11.15 13.53 -11.06
CA CSO A 147 -11.13 13.51 -11.04
CA CSO A 147 -11.14 13.52 -11.06
CB CSO A 147 -11.39 14.24 -12.39
CB CSO A 147 -11.31 14.24 -12.37
CB CSO A 147 -11.34 14.23 -12.42
SG CSO A 147 -10.96 16.00 -12.37
SG CSO A 147 -10.58 15.90 -12.27
SG CSO A 147 -10.36 15.75 -12.57
C CSO A 147 -11.83 14.27 -9.93
O CSO A 147 -13.06 14.25 -9.83
OD CSO A 147 -10.85 16.43 -14.08
OD CSO A 147 -8.90 15.76 -12.80
OD CSO A 147 -10.87 16.93 -11.37
HA CSO A 147 -10.18 13.50 -10.93
HA CSO A 147 -10.17 13.46 -10.89
HA CSO A 147 -10.17 13.51 -10.93
HB2 CSO A 147 -12.33 14.16 -12.61
HB2 CSO A 147 -12.25 14.33 -12.58
HB2 CSO A 147 -12.27 14.46 -12.51
HB3 CSO A 147 -10.85 13.81 -13.07
HB3 CSO A 147 -10.86 13.75 -13.08
HB3 CSO A 147 -11.07 13.62 -13.13
HD CSO A 147 -10.63 17.37 -14.17
HD CSO A 147 -8.45 16.63 -12.73
HD CSO A 147 -10.30 17.71 -11.41
N THR A 148 -11.06 14.92 -9.06
CA THR A 148 -11.67 15.59 -7.90
C THR A 148 -12.63 16.72 -8.24
N ARG A 149 -12.59 17.20 -9.48
CA ARG A 149 -13.51 18.24 -9.93
C ARG A 149 -14.80 17.70 -10.53
N GLN A 150 -14.97 16.38 -10.59
CA GLN A 150 -16.13 15.76 -11.22
C GLN A 150 -16.71 14.69 -10.31
N GLU A 151 -18.04 14.64 -10.23
CA GLU A 151 -18.70 13.66 -9.38
C GLU A 151 -18.74 12.27 -10.00
N ALA A 152 -18.85 12.14 -11.31
CA ALA A 152 -18.91 10.83 -11.95
C ALA A 152 -17.52 10.34 -12.36
N SER A 153 -17.34 9.02 -12.35
CA SER A 153 -16.07 8.46 -12.81
C SER A 153 -15.79 8.90 -14.24
N VAL A 154 -14.50 9.07 -14.56
CA VAL A 154 -14.15 9.48 -15.91
CA VAL A 154 -14.03 9.51 -15.87
C VAL A 154 -13.70 8.31 -16.76
N ILE A 155 -13.18 7.23 -16.18
CA ILE A 155 -12.84 6.02 -16.91
C ILE A 155 -13.30 4.84 -16.07
N ASN A 156 -13.84 3.82 -16.72
CA ASN A 156 -14.26 2.58 -16.10
CA ASN A 156 -14.25 2.58 -16.08
C ASN A 156 -13.70 1.42 -16.90
N ILE A 157 -13.00 0.51 -16.23
CA ILE A 157 -12.49 -0.70 -16.88
C ILE A 157 -13.16 -1.89 -16.19
N ASP A 158 -13.86 -2.72 -16.97
CA ASP A 158 -14.44 -3.95 -16.45
CA ASP A 158 -14.45 -3.95 -16.47
C ASP A 158 -13.40 -5.05 -16.60
N MET A 159 -12.89 -5.54 -15.48
CA MET A 159 -11.76 -6.46 -15.45
CA MET A 159 -11.79 -6.47 -15.55
C MET A 159 -12.17 -7.92 -15.32
N LYS A 160 -13.39 -8.20 -14.93
CA LYS A 160 -13.88 -9.59 -14.84
C LYS A 160 -13.15 -10.46 -13.81
N ALA A 161 -12.31 -9.90 -12.94
CA ALA A 161 -11.84 -10.59 -11.75
C ALA A 161 -11.63 -9.54 -10.68
N ASN A 162 -11.65 -9.95 -9.41
CA ASN A 162 -11.55 -9.00 -8.31
C ASN A 162 -10.26 -8.22 -8.42
N ILE A 163 -10.31 -6.93 -8.14
CA ILE A 163 -9.13 -6.06 -8.21
CA ILE A 163 -9.14 -6.06 -8.20
C ILE A 163 -8.68 -5.76 -6.79
N CYS A 164 -7.45 -6.12 -6.49
CA CYS A 164 -6.88 -5.97 -5.17
C CYS A 164 -6.06 -4.71 -4.97
N CSO A 165 -5.48 -4.18 -6.05
CA CSO A 165 -4.60 -3.05 -5.97
CA CSO A 165 -4.62 -3.01 -5.93
CB CSO A 165 -3.18 -3.49 -5.55
CB CSO A 165 -3.21 -3.39 -5.38
SG CSO A 165 -2.58 -4.94 -6.48
SG CSO A 165 -2.21 -1.91 -4.99
C CSO A 165 -4.54 -2.32 -7.29
O CSO A 165 -4.52 -2.95 -8.34
OD CSO A 165 -0.72 -1.87 -4.05
HA CSO A 165 -4.91 -2.42 -5.28
HA CSO A 165 -4.98 -2.38 -5.28
HB2 CSO A 165 -3.19 -3.73 -4.61
HB2 CSO A 165 -2.73 -3.92 -6.03
HB3 CSO A 165 -2.56 -2.77 -5.70
HB3 CSO A 165 -3.32 -3.91 -4.55
HD CSO A 165 -0.92 -2.01 -3.10
N VAL A 166 -4.50 -0.99 -7.24
CA VAL A 166 -4.28 -0.13 -8.40
CA VAL A 166 -4.24 -0.18 -8.43
C VAL A 166 -3.24 0.90 -8.03
N LYS A 167 -2.35 1.24 -8.95
CA LYS A 167 -1.33 2.23 -8.67
C LYS A 167 -0.99 2.97 -9.96
N TYR A 168 -0.92 4.30 -9.87
CA TYR A 168 -0.44 5.10 -10.98
C TYR A 168 1.08 5.01 -11.13
N ASN A 169 1.53 4.99 -12.38
CA ASN A 169 2.94 5.20 -12.66
C ASN A 169 3.37 6.55 -12.08
N PRO A 170 4.56 6.63 -11.48
CA PRO A 170 4.97 7.88 -10.82
C PRO A 170 5.31 8.99 -11.79
N GLY A 171 5.56 8.68 -13.05
CA GLY A 171 5.99 9.67 -14.03
C GLY A 171 4.90 10.14 -14.97
N SER A 172 3.77 9.43 -15.03
CA SER A 172 2.72 9.76 -15.98
C SER A 172 1.39 9.19 -15.51
N SER A 173 0.34 10.00 -15.56
CA SER A 173 -1.00 9.59 -15.18
C SER A 173 -1.69 8.79 -16.27
N ASN A 174 -1.00 8.51 -17.37
CA ASN A 174 -1.60 7.68 -18.40
C ASN A 174 -1.47 6.19 -18.13
N TYR A 175 -0.65 5.77 -17.16
CA TYR A 175 -0.43 4.34 -16.94
C TYR A 175 -0.79 3.94 -15.51
N ILE A 176 -1.49 2.82 -15.38
CA ILE A 176 -1.79 2.22 -14.09
C ILE A 176 -1.43 0.75 -14.11
N ALA A 177 -0.93 0.27 -12.98
CA ALA A 177 -0.79 -1.16 -12.72
C ALA A 177 -1.97 -1.62 -11.90
N VAL A 178 -2.53 -2.78 -12.28
CA VAL A 178 -3.72 -3.35 -11.66
C VAL A 178 -3.37 -4.77 -11.21
N GLY A 179 -3.38 -5.01 -9.90
CA GLY A 179 -3.15 -6.34 -9.36
C GLY A 179 -4.48 -7.02 -9.17
N SER A 180 -4.60 -8.24 -9.72
CA SER A 180 -5.87 -8.92 -9.77
C SER A 180 -5.85 -10.26 -9.05
N ALA A 181 -7.04 -10.67 -8.60
CA ALA A 181 -7.22 -12.02 -8.07
C ALA A 181 -7.01 -13.09 -9.14
N ASP A 182 -6.90 -12.73 -10.42
CA ASP A 182 -6.59 -13.71 -11.46
C ASP A 182 -5.11 -14.06 -11.53
N HIS A 183 -4.30 -13.53 -10.62
CA HIS A 183 -2.88 -13.83 -10.46
C HIS A 183 -1.98 -12.96 -11.32
N HIS A 184 -2.53 -12.04 -12.11
CA HIS A 184 -1.75 -11.26 -13.05
C HIS A 184 -1.77 -9.79 -12.67
N ILE A 185 -0.76 -9.08 -13.19
CA ILE A 185 -0.72 -7.62 -13.15
C ILE A 185 -1.10 -7.11 -14.53
N HIS A 186 -2.16 -6.33 -14.61
CA HIS A 186 -2.60 -5.76 -15.87
C HIS A 186 -2.12 -4.32 -15.90
N TYR A 187 -1.31 -4.00 -16.89
CA TYR A 187 -0.69 -2.68 -17.00
C TYR A 187 -1.38 -1.95 -18.14
N TYR A 188 -2.14 -0.91 -17.79
CA TYR A 188 -2.99 -0.21 -18.75
C TYR A 188 -2.42 1.16 -19.11
N ASP A 189 -2.61 1.51 -20.38
CA ASP A 189 -2.58 2.87 -20.87
C ASP A 189 -4.02 3.36 -20.90
N LEU A 190 -4.33 4.32 -20.04
CA LEU A 190 -5.69 4.79 -19.87
C LEU A 190 -6.21 5.53 -21.08
N ARG A 191 -5.35 5.84 -22.04
CA ARG A 191 -5.78 6.46 -23.29
C ARG A 191 -6.39 5.46 -24.25
N ASN A 192 -6.16 4.16 -24.03
CA ASN A 192 -6.76 3.14 -24.89
C ASN A 192 -6.94 1.88 -24.04
N ILE A 193 -8.13 1.73 -23.47
CA ILE A 193 -8.36 0.67 -22.49
C ILE A 193 -8.91 -0.60 -23.12
N SER A 194 -8.93 -0.68 -24.46
CA SER A 194 -9.45 -1.89 -25.11
C SER A 194 -8.69 -3.12 -24.68
N GLN A 195 -7.38 -3.00 -24.55
CA GLN A 195 -6.49 -4.05 -24.05
C GLN A 195 -5.46 -3.35 -23.20
N PRO A 196 -4.97 -4.01 -22.15
CA PRO A 196 -3.81 -3.48 -21.44
C PRO A 196 -2.60 -3.41 -22.38
N LEU A 197 -1.64 -2.55 -22.00
CA LEU A 197 -0.35 -2.57 -22.68
C LEU A 197 0.29 -3.93 -22.55
N HIS A 198 0.21 -4.52 -21.37
CA HIS A 198 0.85 -5.80 -21.11
C HIS A 198 0.20 -6.39 -19.87
N VAL A 199 0.16 -7.72 -19.81
CA VAL A 199 -0.30 -8.44 -18.63
C VAL A 199 0.86 -9.31 -18.18
N PHE A 200 1.30 -9.10 -16.94
CA PHE A 200 2.45 -9.76 -16.37
C PHE A 200 2.02 -10.98 -15.56
N SER A 201 2.42 -12.14 -16.02
CA SER A 201 2.17 -13.39 -15.36
CA SER A 201 2.17 -13.40 -15.37
C SER A 201 3.44 -13.89 -14.67
N GLY A 202 3.25 -14.57 -13.56
CA GLY A 202 4.35 -15.12 -12.80
C GLY A 202 3.91 -15.48 -11.40
N HIS A 203 3.07 -14.66 -10.79
CA HIS A 203 2.54 -15.01 -9.48
C HIS A 203 1.61 -16.22 -9.59
N LYS A 204 1.59 -17.02 -8.53
CA LYS A 204 0.77 -18.23 -8.49
C LYS A 204 -0.52 -18.06 -7.70
N LYS A 205 -0.74 -16.89 -7.12
CA LYS A 205 -1.92 -16.54 -6.35
C LYS A 205 -2.28 -15.09 -6.68
N ALA A 206 -3.35 -14.60 -6.07
CA ALA A 206 -3.79 -13.22 -6.27
C ALA A 206 -2.65 -12.24 -6.03
N VAL A 207 -2.66 -11.16 -6.80
CA VAL A 207 -1.70 -10.08 -6.64
C VAL A 207 -2.32 -9.04 -5.71
N SER A 208 -1.76 -8.91 -4.52
CA SER A 208 -2.33 -8.07 -3.46
C SER A 208 -1.86 -6.63 -3.48
N TYR A 209 -0.66 -6.36 -3.98
CA TYR A 209 -0.14 -4.99 -4.09
C TYR A 209 0.67 -4.84 -5.35
N VAL A 210 0.68 -3.62 -5.88
CA VAL A 210 1.59 -3.18 -6.94
C VAL A 210 2.11 -1.80 -6.55
N LYS A 211 3.43 -1.60 -6.66
CA LYS A 211 4.07 -0.34 -6.29
CA LYS A 211 4.07 -0.34 -6.30
C LYS A 211 5.25 -0.13 -7.22
N PHE A 212 5.48 1.10 -7.64
CA PHE A 212 6.57 1.44 -8.55
C PHE A 212 7.80 1.92 -7.80
N LEU A 213 8.96 1.35 -8.15
CA LEU A 213 10.23 1.88 -7.67
C LEU A 213 10.67 3.11 -8.48
N SER A 214 10.26 3.19 -9.74
CA SER A 214 10.66 4.24 -10.66
C SER A 214 9.69 4.19 -11.83
N ASN A 215 9.92 5.04 -12.84
CA ASN A 215 9.03 5.07 -13.98
C ASN A 215 8.94 3.73 -14.68
N ASN A 216 10.02 2.95 -14.68
CA ASN A 216 10.10 1.73 -15.46
C ASN A 216 10.16 0.46 -14.63
N GLU A 217 10.17 0.56 -13.30
CA GLU A 217 10.34 -0.59 -12.43
C GLU A 217 9.11 -0.74 -11.55
N LEU A 218 8.45 -1.88 -11.65
CA LEU A 218 7.22 -2.16 -10.92
C LEU A 218 7.45 -3.37 -10.03
N ALA A 219 7.00 -3.29 -8.79
CA ALA A 219 7.02 -4.43 -7.88
C ALA A 219 5.60 -4.86 -7.56
N SER A 220 5.47 -6.14 -7.24
CA SER A 220 4.20 -6.72 -6.83
C SER A 220 4.40 -7.66 -5.65
N ALA A 221 3.33 -7.80 -4.88
CA ALA A 221 3.23 -8.82 -3.85
C ALA A 221 2.03 -9.70 -4.14
N SER A 222 2.12 -10.94 -3.66
CA SER A 222 1.07 -11.93 -3.87
C SER A 222 1.03 -12.88 -2.69
N THR A 223 -0.13 -13.52 -2.52
CA THR A 223 -0.30 -14.55 -1.50
C THR A 223 0.31 -15.88 -1.91
N ASP A 224 1.29 -15.86 -2.80
CA ASP A 224 2.16 -16.99 -3.07
C ASP A 224 3.50 -16.85 -2.33
N SER A 225 3.56 -15.97 -1.33
CA SER A 225 4.76 -15.73 -0.53
C SER A 225 5.93 -15.25 -1.37
N THR A 226 5.67 -14.49 -2.43
CA THR A 226 6.73 -13.84 -3.17
C THR A 226 6.42 -12.37 -3.40
N LEU A 227 7.49 -11.59 -3.56
CA LEU A 227 7.42 -10.32 -4.28
C LEU A 227 8.07 -10.54 -5.64
N ARG A 228 7.65 -9.74 -6.63
CA ARG A 228 8.27 -9.82 -7.95
C ARG A 228 8.53 -8.42 -8.47
N LEU A 229 9.60 -8.31 -9.24
CA LEU A 229 10.03 -7.08 -9.89
C LEU A 229 9.90 -7.25 -11.39
N TRP A 230 9.39 -6.20 -12.04
CA TRP A 230 9.02 -6.22 -13.44
C TRP A 230 9.53 -4.96 -14.12
N ASP A 231 9.83 -5.08 -15.40
CA ASP A 231 10.28 -3.98 -16.25
C ASP A 231 9.11 -3.60 -17.15
N VAL A 232 8.54 -2.41 -16.92
CA VAL A 232 7.36 -1.98 -17.65
C VAL A 232 7.70 -1.15 -18.87
N LYS A 233 8.98 -0.94 -19.16
CA LYS A 233 9.39 -0.36 -20.43
C LYS A 233 9.52 -1.46 -21.49
N ASP A 234 10.18 -2.56 -21.15
CA ASP A 234 10.41 -3.65 -22.09
C ASP A 234 9.54 -4.86 -21.79
N ASN A 235 8.67 -4.80 -20.79
CA ASN A 235 7.68 -5.83 -20.50
C ASN A 235 8.33 -7.17 -20.19
N LEU A 236 9.20 -7.15 -19.18
CA LEU A 236 9.97 -8.32 -18.81
C LEU A 236 9.83 -8.63 -17.33
N PRO A 237 9.84 -9.91 -16.97
CA PRO A 237 10.07 -10.28 -15.57
C PRO A 237 11.54 -10.03 -15.25
N VAL A 238 11.81 -9.58 -14.04
CA VAL A 238 13.18 -9.33 -13.60
C VAL A 238 13.62 -10.30 -12.52
N ARG A 239 12.96 -10.30 -11.36
CA ARG A 239 13.43 -11.01 -10.18
C ARG A 239 12.26 -11.36 -9.29
N THR A 240 12.41 -12.47 -8.54
CA THR A 240 11.46 -12.94 -7.53
C THR A 240 12.15 -12.95 -6.19
N PHE A 241 11.48 -12.39 -5.18
CA PHE A 241 11.99 -12.26 -3.82
C PHE A 241 11.26 -13.19 -2.89
N ARG A 242 12.00 -13.89 -2.04
CA ARG A 242 11.43 -14.91 -1.17
CA ARG A 242 11.42 -14.90 -1.17
C ARG A 242 12.05 -14.85 0.22
N GLY A 243 11.26 -15.26 1.20
CA GLY A 243 11.73 -15.38 2.58
C GLY A 243 10.62 -15.19 3.58
N HIS A 244 9.71 -14.28 3.28
CA HIS A 244 8.57 -13.97 4.14
C HIS A 244 7.44 -14.97 3.92
N THR A 245 6.48 -14.96 4.83
CA THR A 245 5.30 -15.83 4.75
C THR A 245 4.09 -14.98 4.42
N ASN A 246 3.47 -15.23 3.27
CA ASN A 246 2.26 -14.47 2.93
C ASN A 246 1.41 -15.37 2.05
N GLU A 247 0.54 -16.14 2.70
CA GLU A 247 -0.33 -17.08 2.01
C GLU A 247 -1.80 -16.71 2.06
N LYS A 248 -2.18 -15.68 2.82
CA LYS A 248 -3.58 -15.39 3.03
C LYS A 248 -3.98 -13.92 3.00
N ASN A 249 -3.22 -13.07 3.68
CA ASN A 249 -3.68 -11.72 4.00
C ASN A 249 -2.98 -10.62 3.23
N PHE A 250 -3.61 -9.44 3.21
CA PHE A 250 -2.93 -8.22 2.83
C PHE A 250 -1.93 -7.88 3.94
N VAL A 251 -0.63 -7.96 3.65
CA VAL A 251 0.40 -7.73 4.66
C VAL A 251 1.27 -6.52 4.37
N GLY A 252 0.93 -5.75 3.34
CA GLY A 252 1.64 -4.51 3.04
C GLY A 252 2.82 -4.67 2.11
N LEU A 253 3.00 -3.70 1.22
CA LEU A 253 4.16 -3.59 0.35
C LEU A 253 4.50 -2.12 0.19
N THR A 254 5.77 -1.78 0.35
CA THR A 254 6.24 -0.43 0.08
C THR A 254 7.59 -0.52 -0.57
N VAL A 255 7.84 0.34 -1.55
CA VAL A 255 9.10 0.34 -2.27
C VAL A 255 9.61 1.75 -2.43
N ASN A 256 10.92 1.86 -2.65
CA ASN A 256 11.53 3.13 -3.02
C ASN A 256 12.49 2.82 -4.17
N SER A 257 13.45 3.71 -4.41
CA SER A 257 14.30 3.54 -5.58
CA SER A 257 14.33 3.56 -5.56
C SER A 257 15.15 2.28 -5.50
N GLU A 258 15.44 1.80 -4.29
CA GLU A 258 16.34 0.67 -4.12
C GLU A 258 15.78 -0.51 -3.33
N TYR A 259 14.81 -0.31 -2.45
CA TYR A 259 14.38 -1.32 -1.50
C TYR A 259 12.90 -1.64 -1.61
N LEU A 260 12.57 -2.87 -1.25
CA LEU A 260 11.21 -3.34 -1.09
C LEU A 260 11.04 -3.77 0.36
N ALA A 261 9.92 -3.43 0.97
CA ALA A 261 9.60 -3.94 2.29
C ALA A 261 8.19 -4.51 2.26
N CYS A 262 7.97 -5.58 3.02
CA CYS A 262 6.65 -6.18 3.08
C CYS A 262 6.45 -6.80 4.45
N GLY A 263 5.18 -6.99 4.79
CA GLY A 263 4.84 -7.74 5.98
C GLY A 263 4.91 -9.23 5.78
N SER A 264 4.48 -9.92 6.83
CA SER A 264 4.46 -11.37 6.83
CA SER A 264 4.51 -11.38 6.87
C SER A 264 3.49 -11.84 7.91
N GLU A 265 3.00 -13.07 7.72
CA GLU A 265 2.07 -13.72 8.66
C GLU A 265 2.78 -14.36 9.82
N THR A 266 4.02 -13.96 10.08
CA THR A 266 4.80 -14.35 11.24
C THR A 266 5.09 -13.15 12.13
N ASN A 267 4.33 -12.07 11.97
CA ASN A 267 4.50 -10.86 12.76
C ASN A 267 5.90 -10.26 12.56
N GLU A 268 6.39 -10.33 11.32
CA GLU A 268 7.71 -9.83 10.96
C GLU A 268 7.63 -8.92 9.75
N VAL A 269 8.45 -7.88 9.74
CA VAL A 269 8.66 -7.04 8.56
CA VAL A 269 8.64 -7.08 8.54
C VAL A 269 9.93 -7.51 7.86
N TYR A 270 9.90 -7.57 6.53
CA TYR A 270 11.03 -7.98 5.72
C TYR A 270 11.46 -6.85 4.81
N VAL A 271 12.78 -6.74 4.61
CA VAL A 271 13.33 -5.79 3.65
C VAL A 271 14.23 -6.51 2.65
N TYR A 272 14.03 -6.19 1.38
CA TYR A 272 14.83 -6.68 0.29
C TYR A 272 15.46 -5.51 -0.44
N HIS A 273 16.73 -5.66 -0.85
CA HIS A 273 17.28 -4.80 -1.87
C HIS A 273 16.83 -5.33 -3.22
N LYS A 274 16.50 -4.43 -4.15
CA LYS A 274 15.90 -4.86 -5.41
C LYS A 274 16.78 -5.76 -6.25
N GLU A 275 18.08 -5.82 -5.99
CA GLU A 275 18.99 -6.63 -6.79
CA GLU A 275 18.96 -6.65 -6.80
C GLU A 275 19.28 -8.00 -6.19
N ILE A 276 18.71 -8.33 -5.02
N ILE A 276 18.75 -8.30 -4.99
CA ILE A 276 19.07 -9.53 -4.28
CA ILE A 276 19.07 -9.54 -4.29
C ILE A 276 17.79 -10.25 -3.84
C ILE A 276 17.77 -10.23 -3.92
N THR A 277 17.70 -11.54 -4.14
CA THR A 277 16.44 -12.25 -3.99
C THR A 277 16.08 -12.62 -2.54
N ARG A 278 17.02 -12.60 -1.62
CA ARG A 278 16.68 -12.94 -0.25
CA ARG A 278 16.84 -12.98 -0.22
C ARG A 278 16.89 -11.74 0.67
N PRO A 279 16.23 -11.75 1.82
CA PRO A 279 16.13 -10.50 2.61
C PRO A 279 17.48 -9.94 3.04
N VAL A 280 17.58 -8.62 3.02
CA VAL A 280 18.74 -8.02 3.66
CA VAL A 280 18.67 -7.88 3.65
C VAL A 280 18.54 -7.95 5.17
N THR A 281 17.31 -7.85 5.66
CA THR A 281 17.05 -7.91 7.09
C THR A 281 15.55 -8.10 7.33
N SER A 282 15.20 -8.27 8.60
CA SER A 282 13.83 -8.46 9.03
C SER A 282 13.74 -8.02 10.47
N HIS A 283 12.51 -7.79 10.93
CA HIS A 283 12.28 -7.37 12.31
C HIS A 283 11.04 -8.06 12.84
N ARG A 284 11.17 -8.69 14.00
CA ARG A 284 10.04 -9.31 14.69
C ARG A 284 9.31 -8.29 15.56
N PHE A 285 8.01 -8.16 15.38
CA PHE A 285 7.18 -7.60 16.45
C PHE A 285 6.99 -8.70 17.50
N GLY A 286 6.96 -8.31 18.78
CA GLY A 286 6.59 -9.24 19.84
C GLY A 286 7.49 -10.44 20.06
N SER A 287 8.79 -10.27 19.94
CA SER A 287 9.73 -11.36 20.24
C SER A 287 9.74 -11.58 21.74
N PRO A 288 9.66 -12.82 22.23
CA PRO A 288 9.53 -13.03 23.67
C PRO A 288 10.80 -12.70 24.44
N ASP A 289 10.62 -12.25 25.67
CA ASP A 289 11.72 -11.95 26.58
C ASP A 289 11.59 -12.81 27.83
N MET A 290 12.74 -13.26 28.35
CA MET A 290 12.80 -14.07 29.57
C MET A 290 11.90 -15.29 29.43
N ASP A 291 10.84 -15.37 30.23
CA ASP A 291 9.94 -16.52 30.28
C ASP A 291 8.61 -16.27 29.60
N ASP A 292 8.50 -15.22 28.77
CA ASP A 292 7.29 -14.99 28.00
C ASP A 292 6.86 -16.28 27.31
N ALA A 293 5.57 -16.60 27.39
CA ALA A 293 5.02 -17.83 26.83
C ALA A 293 3.54 -17.64 26.58
N GLU A 294 3.21 -16.75 25.63
CA GLU A 294 1.84 -16.49 25.23
C GLU A 294 1.68 -16.79 23.74
N GLU A 295 1.08 -15.88 22.99
CA GLU A 295 0.78 -16.19 21.59
C GLU A 295 2.07 -16.39 20.80
N GLU A 296 2.02 -17.31 19.84
CA GLU A 296 3.12 -17.56 18.92
C GLU A 296 3.11 -16.53 17.78
N ALA A 297 4.21 -16.53 17.01
CA ALA A 297 4.42 -15.51 15.98
C ALA A 297 3.35 -15.55 14.90
N GLY A 298 2.84 -16.74 14.59
CA GLY A 298 1.84 -16.89 13.56
C GLY A 298 0.49 -16.30 13.89
N SER A 299 0.29 -15.82 15.12
CA SER A 299 -0.99 -15.27 15.53
C SER A 299 -1.21 -13.83 15.08
N TYR A 300 -0.19 -13.15 14.61
CA TYR A 300 -0.30 -11.76 14.20
C TYR A 300 0.35 -11.60 12.84
N PHE A 301 -0.10 -10.60 12.11
CA PHE A 301 0.51 -10.28 10.83
C PHE A 301 0.82 -8.80 10.77
N ILE A 302 1.92 -8.46 10.11
CA ILE A 302 2.14 -7.10 9.70
C ILE A 302 1.08 -6.77 8.66
N SER A 303 0.49 -5.57 8.76
CA SER A 303 -0.65 -5.23 7.95
C SER A 303 -0.45 -3.99 7.10
N ALA A 304 0.56 -3.18 7.37
CA ALA A 304 0.79 -1.98 6.59
C ALA A 304 2.23 -1.56 6.76
N VAL A 305 2.85 -1.09 5.68
CA VAL A 305 4.21 -0.57 5.69
C VAL A 305 4.29 0.62 4.76
N CYS A 306 5.21 1.54 5.04
CA CYS A 306 5.43 2.70 4.16
CA CYS A 306 5.47 2.64 4.10
C CYS A 306 6.82 3.28 4.36
N TRP A 307 7.65 3.27 3.33
CA TRP A 307 8.94 3.98 3.40
C TRP A 307 8.70 5.47 3.52
N LYS A 308 9.63 6.15 4.19
CA LYS A 308 9.74 7.61 4.17
C LYS A 308 10.59 7.95 2.95
N SER A 309 9.92 8.02 1.81
CA SER A 309 10.55 8.28 0.49
C SER A 309 11.77 7.39 0.28
N ASP A 310 12.91 7.89 -0.19
N ASP A 310 12.90 7.94 -0.17
CA ASP A 310 14.06 7.05 -0.48
CA ASP A 310 14.13 7.23 -0.48
C ASP A 310 14.99 6.83 0.71
C ASP A 310 15.09 7.19 0.70
N SER A 311 14.58 7.20 1.91
CA SER A 311 15.40 7.09 3.09
C SER A 311 15.31 5.69 3.68
N PRO A 312 16.18 5.36 4.61
CA PRO A 312 16.10 4.07 5.33
C PRO A 312 15.03 4.01 6.41
N THR A 313 14.23 5.06 6.59
CA THR A 313 13.19 5.10 7.59
C THR A 313 11.87 4.58 7.01
N MET A 314 11.11 3.85 7.83
CA MET A 314 9.86 3.22 7.42
CA MET A 314 9.81 3.37 7.39
C MET A 314 8.84 3.31 8.56
N LEU A 315 7.56 3.38 8.20
CA LEU A 315 6.47 3.15 9.12
C LEU A 315 5.96 1.74 8.93
N THR A 316 5.57 1.11 10.03
CA THR A 316 5.02 -0.24 9.99
C THR A 316 3.89 -0.34 11.01
N ALA A 317 2.94 -1.21 10.73
CA ALA A 317 1.86 -1.48 11.67
C ALA A 317 1.43 -2.94 11.53
N ASN A 318 0.89 -3.47 12.61
CA ASN A 318 0.46 -4.86 12.61
C ASN A 318 -1.02 -5.00 12.97
N SER A 319 -1.43 -6.26 13.02
CA SER A 319 -2.83 -6.60 13.19
C SER A 319 -3.33 -6.37 14.60
N GLN A 320 -2.42 -6.09 15.55
CA GLN A 320 -2.82 -5.64 16.87
C GLN A 320 -3.04 -4.13 16.93
N GLY A 321 -2.62 -3.39 15.91
CA GLY A 321 -2.66 -1.94 15.95
C GLY A 321 -1.40 -1.28 16.42
N THR A 322 -0.34 -2.03 16.70
CA THR A 322 0.93 -1.42 17.08
C THR A 322 1.55 -0.78 15.85
N ILE A 323 2.05 0.44 16.02
CA ILE A 323 2.74 1.18 14.97
C ILE A 323 4.19 1.34 15.42
N LYS A 324 5.13 1.05 14.53
CA LYS A 324 6.52 1.31 14.82
C LYS A 324 7.15 2.13 13.71
N VAL A 325 8.05 3.04 14.10
CA VAL A 325 8.96 3.69 13.16
C VAL A 325 10.26 2.92 13.21
N LEU A 326 10.65 2.36 12.07
CA LEU A 326 11.86 1.55 11.96
C LEU A 326 12.86 2.25 11.05
N VAL A 327 14.14 1.97 11.24
CA VAL A 327 15.19 2.54 10.38
CA VAL A 327 15.18 2.53 10.38
C VAL A 327 16.20 1.44 10.07
N LEU A 328 16.50 1.25 8.79
CA LEU A 328 17.59 0.37 8.41
C LEU A 328 18.89 0.90 9.00
N ALA A 329 19.70 0.00 9.51
CA ALA A 329 20.94 0.39 10.12
C ALA A 329 21.99 -0.68 9.88
N ALA A 330 23.25 -0.26 9.94
CA ALA A 330 24.38 -1.14 9.82
C ALA A 330 24.30 -2.19 10.91
C ACE B 1 -8.53 -11.60 8.80
O ACE B 1 -8.05 -11.11 7.77
CH3 ACE B 1 -7.87 -11.38 10.14
N GLU B 2 -9.66 -12.32 8.81
CA GLU B 2 -10.41 -12.62 7.60
C GLU B 2 -10.84 -11.35 6.85
N ILE B 3 -11.03 -10.27 7.59
CA ILE B 3 -11.33 -8.98 6.97
C ILE B 3 -10.22 -8.54 6.02
N ARG B 4 -8.98 -9.00 6.25
CA ARG B 4 -7.87 -8.68 5.36
C ARG B 4 -7.45 -9.88 4.51
N ARG B 5 -8.33 -10.84 4.33
CA ARG B 5 -8.02 -11.95 3.45
C ARG B 5 -8.07 -11.50 2.00
N VAL B 6 -7.06 -11.84 1.23
CA VAL B 6 -6.99 -11.48 -0.19
C VAL B 6 -7.92 -12.41 -0.96
N PRO B 7 -8.76 -11.89 -1.84
CA PRO B 7 -9.65 -12.77 -2.62
C PRO B 7 -8.90 -13.62 -3.63
N GLU B 8 -9.48 -14.77 -3.95
CA GLU B 8 -9.06 -15.58 -5.08
C GLU B 8 -10.17 -15.59 -6.14
N PHE B 9 -9.79 -15.71 -7.40
CA PHE B 9 -10.78 -15.67 -8.47
C PHE B 9 -11.64 -16.92 -8.48
S SO4 C . 3.05 7.08 -3.27
O1 SO4 C . 3.34 7.47 -4.65
O2 SO4 C . 3.62 8.09 -2.37
O3 SO4 C . 3.65 5.78 -3.00
O4 SO4 C . 1.62 7.02 -3.06
S SO4 D . 14.27 6.24 -19.51
O1 SO4 D . 13.52 6.89 -18.43
O2 SO4 D . 14.48 7.20 -20.59
O3 SO4 D . 15.56 5.76 -19.00
O4 SO4 D . 13.51 5.10 -20.01
C1 GOL E . 4.79 2.91 -22.32
C1 GOL E . 4.52 2.69 -22.38
O1 GOL E . 5.56 2.54 -23.42
O1 GOL E . 4.78 1.83 -23.46
C2 GOL E . 5.45 2.29 -21.08
C2 GOL E . 5.09 2.01 -21.10
O2 GOL E . 5.32 0.92 -21.08
O2 GOL E . 6.43 1.65 -21.26
C3 GOL E . 4.78 2.96 -19.86
C3 GOL E . 4.91 3.02 -19.93
O3 GOL E . 5.39 2.43 -18.72
O3 GOL E . 5.49 2.49 -18.77
H11 GOL E . 3.87 2.59 -22.38
H11 GOL E . 3.57 2.84 -22.25
H12 GOL E . 4.73 3.87 -22.20
H12 GOL E . 4.93 3.56 -22.48
HO1 GOL E . 4.56 1.05 -23.21
H2 GOL E . 6.41 2.47 -21.07
H2 GOL E . 4.60 1.19 -20.92
HO2 GOL E . 5.76 0.61 -20.42
HO2 GOL E . 6.56 0.93 -20.83
H31 GOL E . 3.83 2.79 -19.90
H31 GOL E . 3.96 3.20 -19.84
H32 GOL E . 4.88 3.92 -19.94
H32 GOL E . 5.30 3.87 -20.20
HO3 GOL E . 6.03 2.96 -18.52
HO3 GOL E . 6.28 2.79 -18.73
C1 GOL F . -4.59 17.54 -12.09
O1 GOL F . -3.36 17.32 -12.66
C2 GOL F . -4.89 19.00 -12.55
O2 GOL F . -5.98 19.09 -13.39
C3 GOL F . -5.07 19.80 -11.24
O3 GOL F . -5.27 21.14 -11.60
H11 GOL F . -5.28 16.93 -12.39
H12 GOL F . -4.58 17.47 -11.12
H2 GOL F . -4.15 19.35 -13.06
H31 GOL F . -5.81 19.42 -10.74
H32 GOL F . -4.29 19.67 -10.68
HO3 GOL F . -5.86 21.13 -12.22
C1 GOL G . 14.66 -10.21 17.91
O1 GOL G . 14.43 -11.41 18.66
C2 GOL G . 14.72 -10.61 16.37
O2 GOL G . 13.87 -11.64 16.05
C3 GOL G . 14.51 -9.40 15.50
O3 GOL G . 14.47 -9.66 14.17
H11 GOL G . 13.97 -9.54 18.03
H12 GOL G . 15.50 -9.76 18.15
HO1 GOL G . 14.23 -12.01 18.11
H2 GOL G . 15.62 -10.93 16.20
H31 GOL G . 13.70 -8.98 15.82
H32 GOL G . 15.23 -8.78 15.71
#